data_1VK3
#
_entry.id   1VK3
#
_cell.length_a   59.775
_cell.length_b   72.689
_cell.length_c   128.418
_cell.angle_alpha   90.00
_cell.angle_beta   90.00
_cell.angle_gamma   90.00
#
_symmetry.space_group_name_H-M   'P 21 21 21'
#
loop_
_entity.id
_entity.type
_entity.pdbx_description
1 polymer 'Phosphoribosylformylglycinamidine synthase II'
2 non-polymer 'CHLORIDE ION'
3 water water
#
_entity_poly.entity_id   1
_entity_poly.type   'polypeptide(L)'
_entity_poly.pdbx_seq_one_letter_code
;MGSDKIHHHHHH(MSE)KLRYLNILKEKLGREPTFVELQAFSV(MSE)WSEHCGYSHTKKYIRRLPKTGFEGNAGVVNLD
DYYSVAFKIESHNHPSAIEPYNGAATGVGGIIRDVLA(MSE)GARPTAIFDSLH(MSE)SRIIDGIIEGIADYGNSIGVP
TVGGELRISSLYAHNPLVNVLAAGVVRND(MSE)LVDSKASRPGQVIVIFGGATGRDGIHGASFASEDLTGDKATKLSIQ
VGDPFAEK(MSE)LIEAFLE(MSE)VEEGLVEGAQDLGAGGVLSATSELVAKGNLGAIVHLDRVPLREPD(MSE)EPWEI
LISESQER(MSE)AVVTSPQKASRILEIARKHLLFGDVVAEVIEEPVYRV(MSE)YRNDLV(MSE)EVPVQLLANAPEED
IVEYTPGKIPEFKRVEFEEVNAREVFEQYDH(MSE)VGTDTVVPPGFGAAV(MSE)RIKRDGGYSLVTHSRADLALQDTY
WGTLIAVLESVRKTLSVGAEPLAITNCVNYGDPDVDPVGLSA(MSE)(MSE)TALKNACEFSGVPVASGNASLYNTYQGK
PIPPTLVVG(MSE)LGKVNPQKVAKPKPSKVFAVGWNDFELEREKELWRAIRKLSEEGAFILSSSQLLTRTHVETFREYG
LKIEVKLPEVRPAHQ(MSE)VLVFSERTPVVDVPVKEIGTLSR
;
_entity_poly.pdbx_strand_id   A
#
loop_
_chem_comp.id
_chem_comp.type
_chem_comp.name
_chem_comp.formula
CL non-polymer 'CHLORIDE ION' 'Cl -1'
#
# COMPACT_ATOMS: atom_id res chain seq x y z
N LYS A 14 0.66 -26.32 -8.90
CA LYS A 14 2.02 -25.86 -9.33
C LYS A 14 2.59 -26.86 -10.34
N LEU A 15 2.01 -28.05 -10.34
CA LEU A 15 2.37 -29.07 -11.32
C LEU A 15 2.12 -28.53 -12.72
N ARG A 16 1.03 -27.75 -12.86
CA ARG A 16 0.73 -27.08 -14.11
C ARG A 16 1.85 -26.10 -14.45
N TYR A 17 2.31 -25.33 -13.47
CA TYR A 17 3.36 -24.33 -13.68
C TYR A 17 4.70 -24.96 -13.98
N LEU A 18 5.05 -26.01 -13.23
CA LEU A 18 6.25 -26.80 -13.50
C LEU A 18 6.29 -27.33 -14.93
N ASN A 19 5.14 -27.83 -15.41
CA ASN A 19 5.04 -28.26 -16.81
C ASN A 19 5.22 -27.12 -17.81
N ILE A 20 4.79 -25.91 -17.44
CA ILE A 20 5.01 -24.75 -18.30
C ILE A 20 6.49 -24.41 -18.30
N LEU A 21 7.06 -24.25 -17.10
CA LEU A 21 8.49 -24.03 -16.96
C LEU A 21 9.32 -25.01 -17.82
N LYS A 22 8.99 -26.29 -17.70
CA LYS A 22 9.70 -27.32 -18.41
C LYS A 22 9.60 -27.14 -19.92
N GLU A 23 8.41 -26.78 -20.42
CA GLU A 23 8.22 -26.56 -21.86
C GLU A 23 9.05 -25.36 -22.34
N LYS A 24 8.98 -24.28 -21.57
CA LYS A 24 9.74 -23.07 -21.87
C LYS A 24 11.25 -23.31 -21.91
N LEU A 25 11.77 -24.03 -20.91
CA LEU A 25 13.19 -24.33 -20.90
C LEU A 25 13.52 -25.48 -21.86
N GLY A 26 12.53 -26.27 -22.23
CA GLY A 26 12.76 -27.42 -23.12
C GLY A 26 13.66 -28.47 -22.49
N ARG A 27 13.62 -28.57 -21.16
CA ARG A 27 14.39 -29.54 -20.36
C ARG A 27 13.98 -29.47 -18.88
N GLU A 28 14.40 -30.48 -18.09
CA GLU A 28 14.21 -30.48 -16.64
C GLU A 28 14.90 -29.28 -15.97
N PRO A 29 14.20 -28.59 -15.08
CA PRO A 29 14.80 -27.49 -14.34
C PRO A 29 15.79 -28.02 -13.30
N THR A 30 16.88 -27.28 -13.12
CA THR A 30 17.87 -27.57 -12.10
C THR A 30 17.32 -27.30 -10.70
N PHE A 31 18.08 -27.71 -9.69
CA PHE A 31 17.73 -27.43 -8.32
C PHE A 31 17.51 -25.94 -8.09
N VAL A 32 18.41 -25.11 -8.62
CA VAL A 32 18.33 -23.66 -8.42
C VAL A 32 17.14 -23.01 -9.15
N GLU A 33 16.81 -23.51 -10.34
CA GLU A 33 15.66 -23.00 -11.12
C GLU A 33 14.34 -23.35 -10.44
N LEU A 34 14.27 -24.57 -9.90
CA LEU A 34 13.17 -24.98 -9.04
C LEU A 34 12.97 -24.01 -7.86
N GLN A 35 14.06 -23.61 -7.21
CA GLN A 35 13.97 -22.64 -6.10
C GLN A 35 13.60 -21.23 -6.60
N ALA A 36 14.27 -20.79 -7.66
CA ALA A 36 14.09 -19.47 -8.26
C ALA A 36 12.65 -19.23 -8.73
N PHE A 37 12.10 -20.18 -9.51
CA PHE A 37 10.74 -20.11 -10.05
C PHE A 37 9.65 -20.39 -9.02
N SER A 38 9.96 -21.16 -7.99
CA SER A 38 9.00 -21.38 -6.91
C SER A 38 8.72 -20.05 -6.19
N VAL A 39 9.71 -19.16 -6.18
CA VAL A 39 9.55 -17.81 -5.62
C VAL A 39 8.88 -16.85 -6.61
N MSE A 40 9.51 -16.67 -7.78
CA MSE A 40 9.08 -15.71 -8.81
C MSE A 40 7.72 -16.03 -9.39
O MSE A 40 7.00 -15.13 -9.80
CB MSE A 40 10.10 -15.64 -9.95
CG MSE A 40 11.43 -15.08 -9.53
SE MSE A 40 11.26 -13.28 -8.75
CE MSE A 40 10.87 -12.23 -10.47
N TRP A 41 7.40 -17.31 -9.46
CA TRP A 41 6.10 -17.73 -10.00
C TRP A 41 5.09 -18.10 -8.93
N SER A 42 5.43 -17.84 -7.67
CA SER A 42 4.43 -17.90 -6.61
C SER A 42 3.45 -16.76 -6.89
N GLU A 43 2.24 -16.85 -6.35
CA GLU A 43 1.24 -15.79 -6.54
C GLU A 43 1.77 -14.49 -5.92
N HIS A 44 2.45 -14.60 -4.79
CA HIS A 44 3.01 -13.42 -4.09
C HIS A 44 3.91 -12.59 -5.01
N CYS A 45 4.73 -13.26 -5.81
CA CYS A 45 5.66 -12.57 -6.69
C CYS A 45 5.19 -12.45 -8.13
N GLY A 46 4.61 -13.51 -8.68
CA GLY A 46 4.25 -13.54 -10.10
C GLY A 46 2.88 -13.02 -10.53
N TYR A 47 1.94 -12.93 -9.57
CA TYR A 47 0.57 -12.40 -9.82
C TYR A 47 -0.24 -13.11 -10.91
N SER A 48 -0.12 -14.43 -11.03
CA SER A 48 -0.77 -15.16 -12.16
C SER A 48 -2.28 -14.94 -12.33
N HIS A 49 -2.98 -14.88 -11.20
CA HIS A 49 -4.46 -14.72 -11.20
C HIS A 49 -4.96 -13.27 -11.39
N THR A 50 -4.07 -12.29 -11.18
CA THR A 50 -4.46 -10.87 -11.22
C THR A 50 -3.81 -10.04 -12.35
N LYS A 51 -2.72 -10.53 -12.93
CA LYS A 51 -2.04 -9.74 -13.95
C LYS A 51 -2.94 -9.19 -15.06
N LYS A 52 -3.79 -10.04 -15.62
CA LYS A 52 -4.74 -9.61 -16.64
C LYS A 52 -5.73 -8.57 -16.09
N TYR A 53 -6.34 -8.85 -14.93
CA TYR A 53 -7.19 -7.84 -14.27
C TYR A 53 -6.46 -6.52 -14.06
N ILE A 54 -5.17 -6.57 -13.70
CA ILE A 54 -4.39 -5.36 -13.45
C ILE A 54 -4.19 -4.54 -14.73
N ARG A 55 -4.04 -5.24 -15.86
CA ARG A 55 -3.91 -4.58 -17.17
C ARG A 55 -5.16 -3.87 -17.62
N ARG A 56 -6.29 -4.17 -16.97
CA ARG A 56 -7.58 -3.53 -17.29
C ARG A 56 -7.88 -2.38 -16.33
N LEU A 57 -6.97 -2.09 -15.42
CA LEU A 57 -7.13 -0.95 -14.53
C LEU A 57 -6.61 0.31 -15.21
N PRO A 58 -7.37 1.42 -15.12
CA PRO A 58 -6.85 2.70 -15.62
C PRO A 58 -5.76 3.16 -14.67
N LYS A 59 -4.56 3.33 -15.21
CA LYS A 59 -3.38 3.61 -14.41
C LYS A 59 -2.80 5.01 -14.67
N THR A 60 -1.94 5.45 -13.75
CA THR A 60 -1.26 6.74 -13.87
C THR A 60 -0.14 6.68 -14.90
N GLY A 61 -0.51 6.76 -16.17
CA GLY A 61 0.46 7.02 -17.25
C GLY A 61 0.93 8.46 -17.12
N PHE A 62 2.04 8.79 -17.76
CA PHE A 62 2.66 10.13 -17.61
C PHE A 62 3.63 10.21 -16.43
N GLU A 63 3.42 9.37 -15.43
CA GLU A 63 4.38 9.13 -14.35
C GLU A 63 5.31 7.99 -14.79
N GLY A 64 6.61 8.25 -14.78
CA GLY A 64 7.60 7.25 -15.23
C GLY A 64 7.95 6.11 -14.27
N ASN A 65 7.26 6.04 -13.14
CA ASN A 65 7.39 4.93 -12.19
C ASN A 65 6.09 4.81 -11.41
N ALA A 66 5.71 3.58 -11.06
CA ALA A 66 4.49 3.33 -10.33
C ALA A 66 4.61 3.84 -8.88
N GLY A 67 3.54 4.41 -8.35
CA GLY A 67 3.52 4.84 -6.96
C GLY A 67 3.79 6.32 -6.72
N VAL A 68 4.34 6.98 -7.75
CA VAL A 68 4.75 8.38 -7.67
C VAL A 68 3.77 9.27 -8.44
N VAL A 69 3.17 10.23 -7.75
CA VAL A 69 2.11 11.03 -8.34
C VAL A 69 2.38 12.53 -8.15
N ASN A 70 2.41 13.24 -9.28
CA ASN A 70 2.64 14.67 -9.32
C ASN A 70 1.64 15.42 -8.45
N LEU A 71 2.15 16.39 -7.71
CA LEU A 71 1.31 17.11 -6.76
C LEU A 71 1.13 18.54 -7.22
N ASP A 72 2.23 19.25 -7.43
CA ASP A 72 2.18 20.65 -7.87
C ASP A 72 3.20 21.00 -8.95
N ASP A 73 3.71 20.00 -9.66
CA ASP A 73 4.76 20.21 -10.68
C ASP A 73 6.16 20.30 -10.09
N TYR A 74 6.24 20.70 -8.82
CA TYR A 74 7.51 20.77 -8.13
C TYR A 74 7.72 19.50 -7.29
N TYR A 75 6.71 19.12 -6.49
CA TYR A 75 6.75 17.91 -5.69
C TYR A 75 5.83 16.81 -6.20
N SER A 76 6.29 15.56 -6.10
CA SER A 76 5.41 14.41 -6.21
C SER A 76 5.25 13.74 -4.85
N VAL A 77 4.22 12.95 -4.73
CA VAL A 77 4.05 12.09 -3.57
C VAL A 77 4.31 10.66 -4.04
N ALA A 78 5.31 9.99 -3.46
CA ALA A 78 5.49 8.54 -3.57
C ALA A 78 4.69 7.82 -2.48
N PHE A 79 3.75 6.97 -2.88
CA PHE A 79 2.94 6.18 -1.94
C PHE A 79 2.55 4.78 -2.44
N LYS A 80 2.43 3.86 -1.49
CA LYS A 80 2.06 2.48 -1.78
C LYS A 80 1.56 1.80 -0.53
N ILE A 81 0.54 0.97 -0.72
CA ILE A 81 0.04 0.08 0.31
C ILE A 81 0.47 -1.37 0.02
N GLU A 82 0.81 -2.11 1.08
CA GLU A 82 1.22 -3.52 0.98
C GLU A 82 0.61 -4.33 2.12
N SER A 83 0.29 -5.60 1.85
CA SER A 83 -0.22 -6.55 2.86
C SER A 83 0.91 -7.37 3.46
N HIS A 84 0.74 -7.81 4.71
CA HIS A 84 1.68 -8.71 5.37
C HIS A 84 0.84 -9.70 6.19
N ASN A 85 -0.24 -10.15 5.55
CA ASN A 85 -1.23 -11.05 6.13
C ASN A 85 -0.64 -12.39 6.58
N HIS A 86 0.03 -13.07 5.67
CA HIS A 86 0.50 -14.43 5.94
C HIS A 86 1.54 -14.48 7.10
N PRO A 87 2.63 -13.70 7.05
CA PRO A 87 3.52 -13.60 8.23
C PRO A 87 2.81 -13.22 9.55
N SER A 88 1.85 -12.31 9.48
CA SER A 88 1.11 -11.85 10.67
C SER A 88 0.23 -12.91 11.33
N ALA A 89 -0.29 -13.85 10.54
CA ALA A 89 -1.08 -14.95 11.09
C ALA A 89 -0.15 -15.87 11.88
N ILE A 90 1.06 -16.07 11.36
CA ILE A 90 2.05 -16.94 11.99
C ILE A 90 2.73 -16.30 13.20
N GLU A 91 3.11 -15.04 13.08
CA GLU A 91 3.79 -14.36 14.18
C GLU A 91 3.32 -12.89 14.18
N PRO A 92 2.22 -12.61 14.87
CA PRO A 92 1.63 -11.27 14.80
C PRO A 92 2.65 -10.13 14.95
N TYR A 93 3.51 -10.18 15.96
CA TYR A 93 4.46 -9.10 16.29
C TYR A 93 5.51 -8.88 15.19
N ASN A 94 6.24 -9.93 14.86
CA ASN A 94 7.28 -9.82 13.83
C ASN A 94 6.69 -9.61 12.46
N GLY A 95 5.51 -10.18 12.22
CA GLY A 95 4.83 -10.08 10.94
C GLY A 95 4.44 -8.64 10.68
N ALA A 96 3.88 -7.98 11.69
CA ALA A 96 3.45 -6.60 11.56
C ALA A 96 4.63 -5.62 11.47
N ALA A 97 5.62 -5.79 12.33
CA ALA A 97 6.80 -4.91 12.36
C ALA A 97 7.54 -4.96 11.03
N THR A 98 7.71 -6.18 10.51
CA THR A 98 8.45 -6.43 9.28
C THR A 98 7.63 -5.87 8.10
N GLY A 99 6.31 -5.99 8.20
CA GLY A 99 5.41 -5.34 7.25
C GLY A 99 5.66 -3.86 7.12
N VAL A 100 5.78 -3.19 8.26
CA VAL A 100 6.09 -1.78 8.25
C VAL A 100 7.44 -1.52 7.61
N GLY A 101 8.45 -2.29 7.99
CA GLY A 101 9.78 -2.10 7.41
C GLY A 101 9.87 -2.27 5.91
N GLY A 102 9.10 -3.22 5.36
CA GLY A 102 9.05 -3.46 3.92
C GLY A 102 8.47 -2.33 3.09
N ILE A 103 7.33 -1.79 3.53
CA ILE A 103 6.68 -0.69 2.79
C ILE A 103 7.45 0.65 2.89
N ILE A 104 8.15 0.87 4.00
CA ILE A 104 9.08 2.01 4.12
C ILE A 104 10.22 1.95 3.08
N ARG A 105 10.80 0.77 2.90
CA ARG A 105 11.89 0.58 1.93
C ARG A 105 11.37 0.80 0.53
N ASP A 106 10.10 0.40 0.31
CA ASP A 106 9.43 0.53 -0.99
C ASP A 106 9.29 2.00 -1.39
N VAL A 107 8.84 2.82 -0.45
CA VAL A 107 8.69 4.27 -0.69
C VAL A 107 10.06 4.93 -0.83
N LEU A 108 10.99 4.60 0.06
CA LEU A 108 12.35 5.05 -0.04
C LEU A 108 12.95 4.83 -1.45
N ALA A 109 12.78 3.62 -1.99
CA ALA A 109 13.35 3.29 -3.30
C ALA A 109 12.87 4.20 -4.43
N MSE A 110 11.68 4.77 -4.28
CA MSE A 110 11.11 5.74 -5.21
C MSE A 110 11.78 7.11 -5.04
O MSE A 110 11.53 8.02 -5.82
CB MSE A 110 9.59 5.86 -5.00
CG MSE A 110 8.82 4.55 -5.19
SE MSE A 110 6.83 4.73 -5.02
CE MSE A 110 6.45 4.09 -3.28
N GLY A 111 12.63 7.25 -4.03
CA GLY A 111 13.47 8.43 -3.88
C GLY A 111 12.96 9.38 -2.82
N ALA A 112 11.94 8.94 -2.08
CA ALA A 112 11.26 9.80 -1.10
C ALA A 112 11.67 9.48 0.33
N ARG A 113 11.84 10.52 1.14
CA ARG A 113 11.95 10.31 2.57
C ARG A 113 10.57 9.84 3.05
N PRO A 114 10.48 8.60 3.54
CA PRO A 114 9.21 8.12 4.03
C PRO A 114 8.82 9.00 5.22
N THR A 115 7.63 9.57 5.15
CA THR A 115 7.24 10.60 6.10
C THR A 115 5.86 10.38 6.74
N ALA A 116 5.11 9.40 6.24
CA ALA A 116 3.76 9.12 6.71
C ALA A 116 3.43 7.65 6.61
N ILE A 117 2.81 7.11 7.66
CA ILE A 117 2.28 5.76 7.68
C ILE A 117 0.79 5.76 8.04
N PHE A 118 0.03 4.98 7.29
CA PHE A 118 -1.41 4.79 7.51
C PHE A 118 -1.66 3.30 7.51
N ASP A 119 -2.20 2.79 8.62
CA ASP A 119 -2.45 1.35 8.78
C ASP A 119 -3.90 0.95 8.49
N SER A 120 -4.07 -0.20 7.88
CA SER A 120 -5.40 -0.75 7.68
C SER A 120 -5.38 -2.16 8.23
N LEU A 121 -5.97 -2.31 9.42
CA LEU A 121 -5.96 -3.57 10.17
C LEU A 121 -7.35 -4.20 10.25
N HIS A 122 -7.42 -5.51 10.04
CA HIS A 122 -8.68 -6.20 10.07
C HIS A 122 -8.52 -7.52 10.83
N MSE A 123 -9.24 -7.65 11.95
CA MSE A 123 -8.96 -8.71 12.92
C MSE A 123 -10.22 -9.12 13.66
O MSE A 123 -11.18 -8.36 13.72
CB MSE A 123 -7.92 -8.20 13.93
CG MSE A 123 -6.56 -7.67 13.38
SE MSE A 123 -5.50 -6.47 14.63
CE MSE A 123 -6.79 -4.94 14.90
N SER A 124 -10.24 -10.32 14.23
CA SER A 124 -11.35 -10.73 15.11
C SER A 124 -11.31 -9.97 16.41
N ARG A 125 -10.14 -9.42 16.74
CA ARG A 125 -9.88 -8.88 18.06
C ARG A 125 -8.73 -7.90 17.92
N ILE A 126 -8.54 -7.02 18.91
CA ILE A 126 -7.28 -6.27 18.97
C ILE A 126 -6.17 -7.24 19.30
N ILE A 127 -5.35 -7.59 18.29
CA ILE A 127 -4.21 -8.47 18.52
C ILE A 127 -3.02 -7.62 18.95
N ASP A 128 -2.81 -7.54 20.26
CA ASP A 128 -1.70 -6.78 20.86
C ASP A 128 -0.40 -6.83 20.06
N GLY A 129 0.01 -8.01 19.61
CA GLY A 129 1.28 -8.16 18.88
C GLY A 129 1.31 -7.36 17.60
N ILE A 130 0.14 -7.27 16.95
CA ILE A 130 0.05 -6.52 15.71
C ILE A 130 0.18 -5.01 15.97
N ILE A 131 -0.63 -4.52 16.92
CA ILE A 131 -0.63 -3.09 17.22
C ILE A 131 0.75 -2.70 17.76
N GLU A 132 1.29 -3.52 18.64
CA GLU A 132 2.61 -3.25 19.21
C GLU A 132 3.76 -3.38 18.21
N GLY A 133 3.66 -4.34 17.30
CA GLY A 133 4.74 -4.55 16.32
C GLY A 133 4.89 -3.35 15.41
N ILE A 134 3.75 -2.75 15.07
CA ILE A 134 3.68 -1.56 14.24
C ILE A 134 4.12 -0.33 15.03
N ALA A 135 3.63 -0.21 16.25
CA ALA A 135 3.98 0.90 17.14
C ALA A 135 5.49 0.96 17.42
N ASP A 136 6.05 -0.16 17.87
CA ASP A 136 7.47 -0.22 18.23
C ASP A 136 8.39 0.05 17.05
N TYR A 137 8.05 -0.52 15.91
CA TYR A 137 8.86 -0.34 14.72
C TYR A 137 8.77 1.13 14.26
N GLY A 138 7.54 1.64 14.20
CA GLY A 138 7.31 3.01 13.79
C GLY A 138 8.01 4.01 14.68
N ASN A 139 7.95 3.79 15.99
CA ASN A 139 8.68 4.62 16.96
C ASN A 139 10.19 4.57 16.75
N SER A 140 10.74 3.40 16.42
CA SER A 140 12.20 3.27 16.30
C SER A 140 12.78 3.86 15.01
N ILE A 141 12.01 3.89 13.92
CA ILE A 141 12.48 4.48 12.64
C ILE A 141 12.30 5.98 12.46
N GLY A 142 11.53 6.62 13.33
CA GLY A 142 11.32 8.06 13.27
C GLY A 142 10.38 8.49 12.16
N VAL A 143 9.46 7.60 11.78
CA VAL A 143 8.48 7.90 10.74
C VAL A 143 7.10 7.89 11.35
N PRO A 144 6.42 9.04 11.31
CA PRO A 144 5.11 9.17 11.99
C PRO A 144 3.96 8.37 11.36
N THR A 145 3.13 7.77 12.22
CA THR A 145 1.81 7.26 11.86
C THR A 145 0.86 8.45 11.77
N VAL A 146 0.29 8.67 10.59
CA VAL A 146 -0.63 9.81 10.37
C VAL A 146 -2.10 9.35 10.45
N GLY A 147 -2.35 8.06 10.32
CA GLY A 147 -3.69 7.54 10.59
C GLY A 147 -3.76 6.02 10.60
N GLY A 148 -4.96 5.52 10.87
CA GLY A 148 -5.26 4.09 10.85
C GLY A 148 -6.74 3.84 10.64
N GLU A 149 -7.04 2.79 9.89
CA GLU A 149 -8.38 2.26 9.78
C GLU A 149 -8.31 0.89 10.47
N LEU A 150 -9.12 0.70 11.51
CA LEU A 150 -9.09 -0.54 12.27
C LEU A 150 -10.49 -1.13 12.40
N ARG A 151 -10.69 -2.33 11.84
CA ARG A 151 -11.98 -3.00 11.76
C ARG A 151 -11.91 -4.34 12.45
N ILE A 152 -12.94 -4.68 13.24
CA ILE A 152 -12.97 -5.88 14.07
C ILE A 152 -14.15 -6.75 13.62
N SER A 153 -13.88 -7.98 13.19
CA SER A 153 -14.89 -8.93 12.80
C SER A 153 -14.41 -10.37 13.00
N SER A 154 -15.24 -11.19 13.65
CA SER A 154 -14.94 -12.60 13.85
C SER A 154 -14.68 -13.36 12.54
N LEU A 155 -15.14 -12.81 11.43
CA LEU A 155 -14.86 -13.39 10.09
C LEU A 155 -13.39 -13.34 9.71
N TYR A 156 -12.60 -12.61 10.50
CA TYR A 156 -11.15 -12.46 10.32
C TYR A 156 -10.29 -13.25 11.34
N ALA A 157 -10.91 -14.13 12.12
CA ALA A 157 -10.26 -14.75 13.29
C ALA A 157 -8.94 -15.49 13.05
N HIS A 158 -8.87 -16.25 11.96
CA HIS A 158 -7.67 -17.02 11.70
C HIS A 158 -6.84 -16.40 10.56
N ASN A 159 -7.26 -15.24 10.07
CA ASN A 159 -6.60 -14.55 8.98
C ASN A 159 -6.65 -13.04 9.22
N PRO A 160 -5.86 -12.52 10.15
CA PRO A 160 -5.83 -11.08 10.33
C PRO A 160 -5.18 -10.42 9.10
N LEU A 161 -5.78 -9.31 8.64
CA LEU A 161 -5.24 -8.51 7.54
C LEU A 161 -4.41 -7.34 8.07
N VAL A 162 -3.15 -7.31 7.64
CA VAL A 162 -2.23 -6.23 7.96
C VAL A 162 -1.84 -5.53 6.66
N ASN A 163 -2.45 -4.40 6.40
CA ASN A 163 -2.11 -3.57 5.25
C ASN A 163 -1.50 -2.30 5.77
N VAL A 164 -0.37 -1.93 5.19
CA VAL A 164 0.32 -0.76 5.66
C VAL A 164 0.57 0.12 4.43
N LEU A 165 0.15 1.37 4.54
CA LEU A 165 0.41 2.33 3.50
C LEU A 165 1.46 3.31 4.01
N ALA A 166 2.42 3.63 3.14
CA ALA A 166 3.47 4.57 3.46
C ALA A 166 3.53 5.62 2.34
N ALA A 167 3.89 6.84 2.73
CA ALA A 167 4.01 7.93 1.79
C ALA A 167 5.18 8.81 2.13
N GLY A 168 5.61 9.58 1.12
CA GLY A 168 6.65 10.57 1.23
C GLY A 168 6.67 11.48 0.01
N VAL A 169 7.33 12.62 0.18
CA VAL A 169 7.41 13.64 -0.85
C VAL A 169 8.80 13.60 -1.47
N VAL A 170 8.85 13.77 -2.78
CA VAL A 170 10.07 13.78 -3.53
C VAL A 170 10.01 14.89 -4.57
N ARG A 171 11.10 15.62 -4.71
CA ARG A 171 11.30 16.59 -5.78
C ARG A 171 11.17 15.95 -7.17
N ASN A 172 10.36 16.57 -8.03
CA ASN A 172 10.21 16.14 -9.43
C ASN A 172 11.52 16.08 -10.22
N ASP A 173 12.52 16.81 -9.75
CA ASP A 173 13.84 16.82 -10.37
C ASP A 173 14.81 15.84 -9.72
N MSE A 174 14.29 14.93 -8.90
CA MSE A 174 15.10 13.94 -8.20
C MSE A 174 14.40 12.60 -8.00
O MSE A 174 14.65 11.92 -7.02
CB MSE A 174 15.52 14.47 -6.85
CG MSE A 174 16.86 15.15 -6.85
SE MSE A 174 16.95 16.23 -5.26
CE MSE A 174 17.20 14.82 -3.84
N LEU A 175 13.54 12.25 -8.96
CA LEU A 175 12.79 10.99 -8.94
C LEU A 175 13.72 9.80 -9.21
N VAL A 176 13.49 8.69 -8.53
CA VAL A 176 14.32 7.52 -8.76
C VAL A 176 13.54 6.52 -9.61
N ASP A 177 14.19 6.05 -10.66
CA ASP A 177 13.60 5.04 -11.54
C ASP A 177 13.62 3.68 -10.87
N SER A 178 12.61 2.86 -11.17
CA SER A 178 12.56 1.49 -10.64
C SER A 178 12.97 0.47 -11.70
N LYS A 179 13.91 0.88 -12.53
CA LYS A 179 14.47 -0.01 -13.55
C LYS A 179 15.95 0.30 -13.77
N ALA A 180 16.67 -0.66 -14.34
CA ALA A 180 17.97 -0.42 -14.98
C ALA A 180 17.70 0.24 -16.33
N SER A 181 18.70 0.85 -16.95
CA SER A 181 18.40 1.77 -18.05
C SER A 181 19.26 1.60 -19.29
N ARG A 182 20.41 0.96 -19.09
CA ARG A 182 21.39 0.76 -20.16
C ARG A 182 22.39 -0.33 -19.78
N PRO A 183 22.80 -1.13 -20.75
CA PRO A 183 23.85 -2.11 -20.53
C PRO A 183 25.09 -1.40 -19.95
N GLY A 184 25.76 -2.06 -19.02
CA GLY A 184 26.98 -1.51 -18.47
C GLY A 184 26.81 -0.81 -17.15
N GLN A 185 25.58 -0.45 -16.80
CA GLN A 185 25.28 -0.08 -15.42
C GLN A 185 25.60 -1.28 -14.55
N VAL A 186 25.79 -1.03 -13.26
CA VAL A 186 26.01 -2.08 -12.28
C VAL A 186 24.94 -2.00 -11.21
N ILE A 187 24.78 -3.09 -10.44
CA ILE A 187 23.84 -3.07 -9.31
C ILE A 187 24.53 -3.33 -7.98
N VAL A 188 24.39 -2.36 -7.08
CA VAL A 188 24.85 -2.46 -5.72
C VAL A 188 23.72 -3.00 -4.83
N ILE A 189 24.07 -3.99 -4.00
CA ILE A 189 23.24 -4.42 -2.87
C ILE A 189 23.86 -3.84 -1.60
N PHE A 190 23.06 -3.10 -0.82
CA PHE A 190 23.58 -2.58 0.44
C PHE A 190 22.53 -2.51 1.56
N GLY A 191 23.00 -2.47 2.80
CA GLY A 191 22.15 -2.41 3.98
C GLY A 191 22.54 -3.51 4.96
N GLY A 192 21.56 -4.24 5.48
CA GLY A 192 21.85 -5.36 6.38
C GLY A 192 22.53 -6.52 5.64
N ALA A 193 23.34 -7.29 6.36
CA ALA A 193 23.95 -8.48 5.78
C ALA A 193 22.89 -9.55 5.50
N THR A 194 23.25 -10.48 4.62
CA THR A 194 22.38 -11.56 4.15
C THR A 194 22.56 -12.82 4.97
N GLY A 195 21.48 -13.25 5.61
CA GLY A 195 21.48 -14.50 6.37
C GLY A 195 20.56 -15.54 5.76
N ARG A 196 20.27 -16.57 6.53
CA ARG A 196 19.33 -17.58 6.13
C ARG A 196 17.98 -17.16 6.64
N ASP A 197 17.29 -16.36 5.84
CA ASP A 197 15.99 -15.78 6.21
C ASP A 197 14.98 -16.07 5.11
N GLY A 198 13.83 -16.64 5.47
CA GLY A 198 12.75 -16.88 4.50
C GLY A 198 13.04 -17.93 3.44
N THR A 215 7.53 -23.41 9.11
CA THR A 215 6.59 -22.30 9.29
C THR A 215 7.25 -21.04 9.86
N LYS A 216 7.88 -21.14 11.04
CA LYS A 216 8.62 -20.01 11.62
C LYS A 216 9.81 -19.59 10.74
N LEU A 217 10.15 -20.42 9.76
CA LEU A 217 11.16 -20.11 8.76
C LEU A 217 10.70 -18.98 7.83
N SER A 218 9.39 -18.75 7.78
CA SER A 218 8.83 -17.70 6.93
C SER A 218 8.72 -16.34 7.65
N ILE A 219 9.03 -16.33 8.94
CA ILE A 219 9.09 -15.10 9.72
C ILE A 219 10.52 -14.55 9.76
N GLN A 220 10.66 -13.25 9.43
CA GLN A 220 11.92 -12.54 9.59
C GLN A 220 11.80 -11.51 10.70
N VAL A 221 12.93 -11.18 11.32
CA VAL A 221 12.94 -10.20 12.40
C VAL A 221 13.47 -8.86 11.86
N GLY A 222 12.58 -7.89 11.75
CA GLY A 222 12.94 -6.60 11.20
C GLY A 222 13.69 -5.84 12.27
N ASP A 223 14.64 -5.00 11.87
CA ASP A 223 15.17 -4.05 12.82
C ASP A 223 15.26 -2.59 12.37
N PRO A 224 14.49 -1.77 13.08
CA PRO A 224 14.24 -0.40 12.67
C PRO A 224 15.50 0.46 12.72
N PHE A 225 16.46 0.09 13.55
CA PHE A 225 17.66 0.90 13.70
C PHE A 225 18.51 0.78 12.44
N ALA A 226 18.66 -0.44 11.93
CA ALA A 226 19.30 -0.62 10.66
C ALA A 226 18.55 0.12 9.53
N GLU A 227 17.22 -0.03 9.47
CA GLU A 227 16.48 0.60 8.39
C GLU A 227 16.60 2.13 8.44
N LYS A 228 16.60 2.68 9.64
CA LYS A 228 16.84 4.10 9.86
C LYS A 228 18.15 4.59 9.21
N MSE A 229 19.21 3.78 9.32
CA MSE A 229 20.49 4.07 8.69
C MSE A 229 20.44 3.89 7.19
O MSE A 229 21.11 4.61 6.44
CB MSE A 229 21.59 3.22 9.30
CG MSE A 229 21.68 3.40 10.81
SE MSE A 229 23.15 2.47 11.71
CE MSE A 229 23.09 0.75 10.86
N LEU A 230 19.63 2.92 6.74
CA LEU A 230 19.42 2.66 5.32
C LEU A 230 18.73 3.84 4.65
N ILE A 231 17.77 4.46 5.34
CA ILE A 231 17.11 5.70 4.86
C ILE A 231 18.07 6.89 4.66
N GLU A 232 18.87 7.19 5.67
CA GLU A 232 19.84 8.27 5.60
C GLU A 232 20.87 8.05 4.50
N ALA A 233 21.37 6.82 4.41
CA ALA A 233 22.39 6.46 3.44
C ALA A 233 21.89 6.53 1.99
N PHE A 234 20.67 6.02 1.75
CA PHE A 234 20.02 6.08 0.43
C PHE A 234 19.73 7.51 0.03
N LEU A 235 19.13 8.27 0.94
CA LEU A 235 18.89 9.68 0.65
C LEU A 235 20.19 10.46 0.39
N GLU A 236 21.26 10.16 1.14
CA GLU A 236 22.55 10.77 0.84
C GLU A 236 23.07 10.40 -0.57
N MSE A 237 23.04 9.12 -0.91
CA MSE A 237 23.38 8.67 -2.25
C MSE A 237 22.60 9.41 -3.34
O MSE A 237 23.18 9.87 -4.33
CB MSE A 237 23.10 7.19 -2.37
CG MSE A 237 24.07 6.32 -1.69
SE MSE A 237 23.29 4.53 -1.56
CE MSE A 237 24.54 3.86 -0.19
N VAL A 238 21.28 9.51 -3.17
CA VAL A 238 20.37 10.18 -4.09
C VAL A 238 20.82 11.62 -4.31
N GLU A 239 21.09 12.33 -3.21
CA GLU A 239 21.47 13.74 -3.22
C GLU A 239 22.77 13.95 -3.97
N GLU A 240 23.69 12.99 -3.89
CA GLU A 240 24.96 13.11 -4.58
C GLU A 240 24.84 12.82 -6.08
N GLY A 241 23.74 12.23 -6.51
CA GLY A 241 23.53 11.92 -7.91
C GLY A 241 24.01 10.53 -8.26
N LEU A 242 23.98 9.64 -7.28
CA LEU A 242 24.61 8.34 -7.41
C LEU A 242 23.59 7.27 -7.80
N VAL A 243 22.34 7.49 -7.41
CA VAL A 243 21.30 6.50 -7.67
C VAL A 243 20.66 6.71 -9.04
N GLU A 244 20.93 5.79 -9.96
CA GLU A 244 20.33 5.84 -11.30
C GLU A 244 19.07 4.95 -11.45
N GLY A 245 18.91 4.00 -10.53
CA GLY A 245 17.69 3.19 -10.41
C GLY A 245 17.72 2.54 -9.02
N ALA A 246 16.58 2.03 -8.55
CA ALA A 246 16.51 1.36 -7.25
C ALA A 246 15.31 0.46 -7.10
N GLN A 247 15.47 -0.56 -6.26
CA GLN A 247 14.40 -1.42 -5.79
C GLN A 247 14.74 -2.05 -4.43
N ASP A 248 13.82 -1.94 -3.48
CA ASP A 248 13.92 -2.60 -2.17
C ASP A 248 13.98 -4.12 -2.31
N LEU A 249 14.71 -4.77 -1.41
CA LEU A 249 14.63 -6.23 -1.32
C LEU A 249 13.52 -6.62 -0.35
N GLY A 250 12.67 -7.52 -0.82
CA GLY A 250 11.63 -8.10 0.01
C GLY A 250 11.61 -9.58 -0.32
N ALA A 251 10.42 -10.07 -0.69
CA ALA A 251 10.26 -11.46 -1.07
C ALA A 251 11.16 -11.74 -2.26
N GLY A 252 11.89 -12.85 -2.20
CA GLY A 252 12.75 -13.25 -3.34
C GLY A 252 14.16 -12.71 -3.25
N GLY A 253 14.38 -11.71 -2.40
CA GLY A 253 15.73 -11.22 -2.06
C GLY A 253 16.46 -10.70 -3.27
N VAL A 254 17.74 -11.03 -3.36
CA VAL A 254 18.56 -10.66 -4.51
C VAL A 254 17.88 -11.01 -5.85
N LEU A 255 17.37 -12.23 -5.99
CA LEU A 255 16.78 -12.69 -7.28
C LEU A 255 15.67 -11.78 -7.77
N SER A 256 14.72 -11.50 -6.89
CA SER A 256 13.59 -10.64 -7.21
C SER A 256 14.08 -9.25 -7.65
N ALA A 257 14.88 -8.62 -6.80
CA ALA A 257 15.27 -7.25 -7.06
C ALA A 257 16.05 -7.10 -8.36
N THR A 258 17.05 -7.95 -8.58
CA THR A 258 17.90 -7.81 -9.78
C THR A 258 17.22 -8.23 -11.07
N SER A 259 16.48 -9.33 -11.03
CA SER A 259 15.78 -9.79 -12.23
C SER A 259 14.75 -8.76 -12.64
N GLU A 260 14.06 -8.18 -11.67
CA GLU A 260 13.00 -7.22 -11.97
C GLU A 260 13.50 -5.87 -12.44
N LEU A 261 14.57 -5.37 -11.83
CA LEU A 261 15.19 -4.13 -12.30
C LEU A 261 15.54 -4.19 -13.78
N VAL A 262 16.17 -5.28 -14.20
CA VAL A 262 16.56 -5.38 -15.61
C VAL A 262 15.41 -5.83 -16.50
N ALA A 263 14.47 -6.60 -15.95
CA ALA A 263 13.33 -7.06 -16.73
C ALA A 263 12.47 -5.88 -17.12
N LYS A 264 12.36 -4.90 -16.22
CA LYS A 264 11.59 -3.68 -16.49
C LYS A 264 12.23 -2.78 -17.55
N GLY A 265 13.54 -2.92 -17.76
CA GLY A 265 14.25 -2.13 -18.76
C GLY A 265 14.57 -2.92 -20.01
N ASN A 266 14.00 -4.11 -20.13
CA ASN A 266 14.24 -5.01 -21.27
C ASN A 266 15.72 -5.29 -21.45
N LEU A 267 16.37 -5.63 -20.35
CA LEU A 267 17.81 -5.87 -20.31
C LEU A 267 18.09 -7.20 -19.67
N GLY A 268 19.37 -7.53 -19.50
CA GLY A 268 19.79 -8.74 -18.79
C GLY A 268 20.63 -8.36 -17.59
N ALA A 269 21.03 -9.37 -16.83
CA ALA A 269 21.94 -9.19 -15.71
C ALA A 269 22.91 -10.38 -15.58
N ILE A 270 24.13 -10.11 -15.14
CA ILE A 270 25.00 -11.16 -14.59
C ILE A 270 25.18 -10.84 -13.12
N VAL A 271 24.78 -11.77 -12.26
CA VAL A 271 24.75 -11.59 -10.81
C VAL A 271 25.89 -12.42 -10.17
N HIS A 272 26.75 -11.73 -9.42
CA HIS A 272 27.92 -12.38 -8.78
C HIS A 272 27.66 -12.56 -7.29
N LEU A 273 27.16 -13.75 -6.94
CA LEU A 273 26.66 -14.02 -5.58
C LEU A 273 27.75 -14.00 -4.50
N ASP A 274 28.97 -14.37 -4.91
CA ASP A 274 30.16 -14.29 -4.07
C ASP A 274 30.48 -12.88 -3.59
N ARG A 275 29.67 -11.90 -3.99
CA ARG A 275 29.90 -10.49 -3.65
C ARG A 275 28.87 -9.95 -2.66
N VAL A 276 27.78 -10.68 -2.47
CA VAL A 276 26.76 -10.30 -1.50
C VAL A 276 27.42 -10.39 -0.11
N PRO A 277 27.38 -9.31 0.67
CA PRO A 277 27.90 -9.34 2.05
C PRO A 277 27.06 -10.25 2.94
N LEU A 278 27.71 -11.19 3.61
CA LEU A 278 27.03 -12.25 4.32
C LEU A 278 27.14 -12.18 5.83
N ARG A 279 26.11 -12.73 6.47
CA ARG A 279 25.97 -12.73 7.90
C ARG A 279 26.31 -14.13 8.40
N GLU A 280 26.03 -15.15 7.58
CA GLU A 280 26.41 -16.54 7.82
C GLU A 280 27.24 -17.05 6.65
N PRO A 281 28.53 -17.28 6.85
CA PRO A 281 29.49 -17.50 5.74
C PRO A 281 29.30 -18.76 4.89
N ASP A 282 28.82 -19.85 5.49
CA ASP A 282 28.73 -21.15 4.80
C ASP A 282 27.39 -21.38 4.11
N MSE A 283 26.82 -20.32 3.57
CA MSE A 283 25.58 -20.40 2.79
C MSE A 283 25.83 -20.93 1.38
O MSE A 283 26.84 -20.61 0.75
CB MSE A 283 24.91 -19.04 2.72
CG MSE A 283 24.29 -18.59 4.03
SE MSE A 283 23.70 -16.73 4.01
CE MSE A 283 22.11 -16.90 2.86
N GLU A 284 24.89 -21.73 0.89
CA GLU A 284 24.93 -22.21 -0.50
C GLU A 284 24.47 -21.09 -1.44
N PRO A 285 24.98 -21.04 -2.67
CA PRO A 285 24.58 -19.99 -3.64
C PRO A 285 23.07 -19.79 -3.76
N TRP A 286 22.31 -20.87 -3.87
CA TRP A 286 20.84 -20.72 -3.93
C TRP A 286 20.28 -19.99 -2.70
N GLU A 287 20.90 -20.22 -1.54
CA GLU A 287 20.50 -19.54 -0.30
C GLU A 287 20.84 -18.06 -0.33
N ILE A 288 21.93 -17.68 -0.98
CA ILE A 288 22.26 -16.26 -1.10
C ILE A 288 21.27 -15.56 -2.05
N LEU A 289 20.90 -16.26 -3.11
CA LEU A 289 20.03 -15.75 -4.18
C LEU A 289 18.63 -15.44 -3.67
N ILE A 290 18.18 -16.22 -2.69
CA ILE A 290 16.77 -16.26 -2.32
C ILE A 290 16.48 -15.82 -0.86
N SER A 291 17.54 -15.60 -0.09
CA SER A 291 17.42 -15.06 1.25
C SER A 291 16.55 -13.82 1.27
N GLU A 292 15.65 -13.75 2.24
CA GLU A 292 14.81 -12.59 2.40
C GLU A 292 15.17 -11.79 3.65
N SER A 293 16.48 -11.75 3.95
CA SER A 293 16.99 -10.93 5.04
C SER A 293 16.48 -9.51 4.84
N GLN A 294 16.17 -8.85 5.94
CA GLN A 294 15.56 -7.53 5.91
C GLN A 294 16.57 -6.39 5.79
N GLU A 295 16.06 -5.18 5.52
CA GLU A 295 16.86 -3.94 5.46
C GLU A 295 17.89 -3.91 4.32
N ARG A 296 17.53 -4.40 3.13
CA ARG A 296 18.45 -4.38 2.02
C ARG A 296 17.89 -3.60 0.82
N MSE A 297 18.79 -3.01 0.03
CA MSE A 297 18.39 -2.13 -1.05
C MSE A 297 19.24 -2.38 -2.30
O MSE A 297 20.45 -2.59 -2.20
CB MSE A 297 18.49 -0.65 -0.62
CG MSE A 297 18.20 0.39 -1.71
SE MSE A 297 16.29 0.50 -2.26
CE MSE A 297 15.49 1.23 -0.62
N ALA A 298 18.61 -2.37 -3.47
CA ALA A 298 19.32 -2.52 -4.72
C ALA A 298 19.39 -1.18 -5.43
N VAL A 299 20.59 -0.80 -5.81
CA VAL A 299 20.83 0.49 -6.40
C VAL A 299 21.49 0.26 -7.76
N VAL A 300 20.89 0.78 -8.83
CA VAL A 300 21.48 0.71 -10.15
C VAL A 300 22.30 1.97 -10.32
N THR A 301 23.54 1.83 -10.77
CA THR A 301 24.41 3.00 -10.92
C THR A 301 25.41 2.80 -12.07
N SER A 302 26.24 3.81 -12.32
CA SER A 302 27.35 3.64 -13.25
C SER A 302 28.51 3.09 -12.44
N PRO A 303 29.28 2.17 -12.99
CA PRO A 303 30.36 1.54 -12.24
C PRO A 303 31.35 2.53 -11.57
N GLN A 304 31.45 3.76 -12.07
CA GLN A 304 32.39 4.75 -11.50
C GLN A 304 31.85 5.42 -10.25
N LYS A 305 30.54 5.31 -10.05
CA LYS A 305 29.92 5.90 -8.88
C LYS A 305 29.87 4.94 -7.68
N ALA A 306 30.27 3.70 -7.93
CA ALA A 306 30.04 2.62 -6.99
C ALA A 306 30.87 2.69 -5.71
N SER A 307 32.11 3.15 -5.80
CA SER A 307 32.96 3.14 -4.61
C SER A 307 32.55 4.22 -3.60
N ARG A 308 31.91 5.29 -4.12
CA ARG A 308 31.31 6.35 -3.29
C ARG A 308 30.02 5.89 -2.63
N ILE A 309 29.21 5.10 -3.35
CA ILE A 309 28.02 4.48 -2.79
C ILE A 309 28.40 3.63 -1.59
N LEU A 310 29.37 2.74 -1.80
CA LEU A 310 29.88 1.90 -0.71
C LEU A 310 30.54 2.72 0.39
N GLU A 311 31.23 3.81 0.00
CA GLU A 311 31.73 4.80 0.98
C GLU A 311 30.60 5.26 1.93
N ILE A 312 29.45 5.63 1.36
CA ILE A 312 28.31 6.12 2.14
C ILE A 312 27.66 5.03 3.00
N ALA A 313 27.48 3.85 2.41
CA ALA A 313 26.88 2.75 3.15
C ALA A 313 27.74 2.41 4.37
N ARG A 314 29.06 2.31 4.14
CA ARG A 314 30.01 2.04 5.21
C ARG A 314 29.92 3.09 6.32
N LYS A 315 29.96 4.36 5.93
CA LYS A 315 29.83 5.49 6.87
C LYS A 315 28.59 5.31 7.76
N HIS A 316 27.51 4.82 7.17
CA HIS A 316 26.26 4.64 7.88
C HIS A 316 26.16 3.27 8.57
N LEU A 317 27.31 2.59 8.64
CA LEU A 317 27.47 1.37 9.41
C LEU A 317 26.76 0.17 8.77
N LEU A 318 26.67 0.21 7.44
CA LEU A 318 25.96 -0.82 6.70
C LEU A 318 26.93 -1.63 5.87
N PHE A 319 26.44 -2.73 5.28
CA PHE A 319 27.28 -3.57 4.43
C PHE A 319 26.87 -3.28 3.00
N GLY A 320 27.84 -3.28 2.10
CA GLY A 320 27.56 -3.06 0.69
C GLY A 320 28.60 -3.67 -0.21
N ASP A 321 28.17 -4.09 -1.40
CA ASP A 321 29.08 -4.49 -2.46
C ASP A 321 28.38 -4.37 -3.82
N VAL A 322 29.19 -4.19 -4.86
CA VAL A 322 28.72 -4.28 -6.24
C VAL A 322 28.46 -5.74 -6.59
N VAL A 323 27.24 -6.05 -7.00
CA VAL A 323 26.80 -7.45 -7.07
C VAL A 323 26.48 -7.94 -8.47
N ALA A 324 25.85 -7.10 -9.28
CA ALA A 324 25.47 -7.50 -10.64
C ALA A 324 25.92 -6.50 -11.67
N GLU A 325 26.07 -7.01 -12.88
CA GLU A 325 26.32 -6.23 -14.08
C GLU A 325 25.05 -6.25 -14.95
N VAL A 326 24.60 -5.07 -15.39
CA VAL A 326 23.50 -4.94 -16.33
C VAL A 326 24.04 -5.16 -17.74
N ILE A 327 23.39 -6.06 -18.47
CA ILE A 327 23.83 -6.38 -19.81
C ILE A 327 22.70 -6.25 -20.82
N GLU A 328 23.09 -6.24 -22.10
CA GLU A 328 22.18 -6.04 -23.20
C GLU A 328 21.39 -7.28 -23.58
N GLU A 329 22.07 -8.43 -23.61
CA GLU A 329 21.38 -9.68 -23.87
C GLU A 329 20.40 -9.88 -22.71
N PRO A 330 19.15 -10.23 -23.02
CA PRO A 330 18.12 -10.38 -21.99
C PRO A 330 18.16 -11.73 -21.27
N VAL A 331 19.34 -12.09 -20.80
CA VAL A 331 19.56 -13.30 -20.07
C VAL A 331 19.79 -12.99 -18.58
N TYR A 332 19.34 -13.87 -17.70
CA TYR A 332 19.66 -13.75 -16.28
C TYR A 332 20.69 -14.83 -15.91
N ARG A 333 21.95 -14.43 -15.73
CA ARG A 333 23.05 -15.36 -15.50
C ARG A 333 23.58 -15.18 -14.08
N VAL A 334 23.49 -16.24 -13.28
CA VAL A 334 23.87 -16.16 -11.88
C VAL A 334 25.20 -16.90 -11.66
N MSE A 335 26.16 -16.24 -11.02
CA MSE A 335 27.48 -16.83 -10.80
C MSE A 335 27.79 -16.96 -9.33
O MSE A 335 27.34 -16.14 -8.52
CB MSE A 335 28.61 -15.98 -11.43
CG MSE A 335 28.52 -15.71 -12.94
SE MSE A 335 28.44 -17.34 -14.07
CE MSE A 335 30.25 -18.07 -13.69
N TYR A 336 28.55 -17.98 -8.97
CA TYR A 336 29.32 -17.97 -7.73
C TYR A 336 30.80 -18.17 -8.09
N ARG A 337 31.58 -17.09 -7.95
CA ARG A 337 32.93 -17.02 -8.56
C ARG A 337 32.81 -17.34 -10.05
N ASN A 338 33.48 -18.42 -10.46
CA ASN A 338 33.47 -18.92 -11.83
C ASN A 338 32.46 -20.04 -12.06
N ASP A 339 31.69 -20.39 -11.03
CA ASP A 339 30.68 -21.44 -11.13
C ASP A 339 29.36 -20.84 -11.62
N LEU A 340 28.81 -21.43 -12.68
CA LEU A 340 27.50 -21.06 -13.15
C LEU A 340 26.49 -21.61 -12.18
N VAL A 341 25.76 -20.72 -11.54
CA VAL A 341 24.69 -21.08 -10.63
C VAL A 341 23.40 -21.33 -11.41
N MSE A 342 23.14 -20.48 -12.41
CA MSE A 342 21.88 -20.51 -13.16
C MSE A 342 21.93 -19.62 -14.40
O MSE A 342 22.51 -18.55 -14.38
CB MSE A 342 20.71 -20.06 -12.27
CG MSE A 342 19.34 -20.07 -12.98
SE MSE A 342 17.76 -19.65 -11.84
CE MSE A 342 18.23 -17.82 -11.32
N GLU A 343 21.28 -20.05 -15.46
CA GLU A 343 21.04 -19.15 -16.59
C GLU A 343 19.68 -19.39 -17.25
N VAL A 344 18.85 -18.37 -17.24
CA VAL A 344 17.57 -18.44 -17.94
C VAL A 344 17.26 -17.10 -18.59
N PRO A 345 16.32 -17.07 -19.53
CA PRO A 345 15.81 -15.81 -20.06
C PRO A 345 15.14 -15.01 -18.94
N VAL A 346 15.53 -13.75 -18.81
CA VAL A 346 15.06 -12.93 -17.71
C VAL A 346 13.53 -12.72 -17.71
N GLN A 347 12.93 -12.73 -18.90
CA GLN A 347 11.51 -12.46 -19.04
C GLN A 347 10.66 -13.68 -18.73
N LEU A 348 11.33 -14.81 -18.51
CA LEU A 348 10.71 -16.05 -18.08
C LEU A 348 10.48 -15.99 -16.58
N LEU A 349 11.49 -15.57 -15.84
CA LEU A 349 11.34 -15.24 -14.42
C LEU A 349 10.28 -14.15 -14.16
N ALA A 350 10.26 -13.13 -14.99
CA ALA A 350 9.49 -11.92 -14.70
C ALA A 350 8.03 -12.03 -15.13
N ASN A 351 7.73 -13.03 -15.94
CA ASN A 351 6.37 -13.23 -16.40
C ASN A 351 5.88 -14.62 -16.05
N ALA A 352 5.16 -14.73 -14.93
CA ALA A 352 4.52 -15.98 -14.51
C ALA A 352 3.39 -16.35 -15.46
N PRO A 353 3.05 -17.64 -15.58
CA PRO A 353 1.92 -18.03 -16.42
C PRO A 353 0.67 -17.23 -16.02
N GLU A 354 -0.17 -16.87 -16.98
CA GLU A 354 -1.31 -16.00 -16.70
C GLU A 354 -2.60 -16.75 -16.79
N GLU A 355 -3.36 -16.70 -15.70
CA GLU A 355 -4.63 -17.37 -15.59
C GLU A 355 -5.69 -16.50 -16.27
N ASP A 356 -6.54 -17.14 -17.07
CA ASP A 356 -7.64 -16.43 -17.74
C ASP A 356 -8.48 -15.63 -16.75
N ILE A 357 -9.00 -14.50 -17.21
CA ILE A 357 -9.97 -13.77 -16.42
C ILE A 357 -11.38 -14.29 -16.67
N VAL A 358 -12.29 -13.95 -15.77
CA VAL A 358 -13.72 -14.13 -15.97
C VAL A 358 -14.29 -12.77 -16.30
N GLU A 359 -15.15 -12.68 -17.32
CA GLU A 359 -15.90 -11.44 -17.61
C GLU A 359 -16.98 -11.32 -16.55
N TYR A 360 -16.98 -10.21 -15.83
CA TYR A 360 -17.97 -9.99 -14.80
C TYR A 360 -18.99 -8.99 -15.30
N THR A 361 -20.27 -9.34 -15.10
CA THR A 361 -21.37 -8.47 -15.48
C THR A 361 -22.13 -8.07 -14.22
N PRO A 362 -22.10 -6.78 -13.89
CA PRO A 362 -22.82 -6.27 -12.74
C PRO A 362 -24.32 -6.25 -13.00
N GLY A 363 -25.07 -6.84 -12.07
CA GLY A 363 -26.52 -6.67 -12.02
C GLY A 363 -26.90 -5.41 -11.25
N LYS A 364 -28.17 -5.32 -10.86
CA LYS A 364 -28.65 -4.20 -10.04
C LYS A 364 -28.01 -4.22 -8.66
N ILE A 365 -27.82 -3.05 -8.05
CA ILE A 365 -27.38 -2.97 -6.65
C ILE A 365 -28.36 -3.79 -5.82
N PRO A 366 -27.88 -4.78 -5.06
CA PRO A 366 -28.75 -5.49 -4.13
C PRO A 366 -29.00 -4.65 -2.89
N GLU A 367 -30.03 -5.04 -2.14
CA GLU A 367 -30.25 -4.55 -0.79
C GLU A 367 -29.18 -5.19 0.11
N PHE A 368 -28.63 -4.41 1.03
CA PHE A 368 -27.60 -4.89 1.94
C PHE A 368 -28.16 -5.11 3.35
N LYS A 369 -27.70 -6.16 4.03
CA LYS A 369 -27.96 -6.33 5.46
C LYS A 369 -26.89 -5.58 6.26
N ARG A 370 -27.15 -5.31 7.53
CA ARG A 370 -26.10 -4.74 8.38
C ARG A 370 -25.29 -5.88 8.96
N VAL A 371 -24.01 -5.92 8.64
CA VAL A 371 -23.14 -6.97 9.18
C VAL A 371 -22.27 -6.34 10.26
N GLU A 372 -22.14 -7.03 11.39
CA GLU A 372 -21.37 -6.57 12.56
C GLU A 372 -19.85 -6.42 12.33
N PHE A 373 -19.44 -5.19 11.97
CA PHE A 373 -18.02 -4.80 11.92
C PHE A 373 -17.83 -3.62 12.89
N GLU A 374 -17.03 -3.80 13.94
CA GLU A 374 -16.75 -2.74 14.89
C GLU A 374 -15.49 -1.94 14.49
N GLU A 375 -15.54 -0.64 14.67
CA GLU A 375 -14.38 0.22 14.42
C GLU A 375 -13.68 0.54 15.75
N VAL A 376 -12.36 0.43 15.75
CA VAL A 376 -11.55 0.87 16.90
C VAL A 376 -10.84 2.18 16.61
N ASN A 377 -10.79 3.05 17.63
CA ASN A 377 -10.04 4.30 17.58
C ASN A 377 -8.57 3.95 17.44
N ALA A 378 -7.95 4.36 16.34
CA ALA A 378 -6.52 4.12 16.11
C ALA A 378 -5.65 4.83 17.13
N ARG A 379 -6.01 6.09 17.42
CA ARG A 379 -5.24 6.94 18.32
C ARG A 379 -5.33 6.41 19.75
N GLU A 380 -6.51 5.92 20.14
CA GLU A 380 -6.67 5.27 21.44
C GLU A 380 -5.86 3.98 21.56
N VAL A 381 -5.97 3.10 20.57
CA VAL A 381 -5.28 1.80 20.59
C VAL A 381 -3.74 1.94 20.65
N PHE A 382 -3.21 2.82 19.82
CA PHE A 382 -1.77 3.00 19.71
C PHE A 382 -1.16 3.72 20.90
N GLU A 383 -1.93 4.64 21.49
CA GLU A 383 -1.50 5.41 22.65
C GLU A 383 -1.00 4.51 23.78
N GLN A 384 -1.54 3.30 23.87
CA GLN A 384 -1.14 2.33 24.90
C GLN A 384 0.28 1.77 24.67
N TYR A 385 0.76 1.83 23.42
CA TYR A 385 2.13 1.43 23.09
C TYR A 385 3.04 2.63 22.85
N ASP A 386 2.75 3.71 23.60
CA ASP A 386 3.44 5.00 23.53
C ASP A 386 3.66 5.44 22.10
N HIS A 387 2.57 5.46 21.35
CA HIS A 387 2.63 5.70 19.93
C HIS A 387 1.53 6.66 19.50
N MSE A 388 1.93 7.82 19.00
CA MSE A 388 0.99 8.84 18.51
C MSE A 388 0.50 8.62 17.08
O MSE A 388 1.22 8.07 16.23
CB MSE A 388 1.63 10.21 18.61
CG MSE A 388 1.94 10.63 20.03
SE MSE A 388 2.86 12.36 20.08
CE MSE A 388 4.53 11.93 19.06
N VAL A 389 -0.74 9.03 16.82
CA VAL A 389 -1.32 8.97 15.49
C VAL A 389 -1.77 10.35 15.05
N GLY A 390 -1.22 10.83 13.93
CA GLY A 390 -1.69 12.06 13.30
C GLY A 390 -1.29 13.37 13.96
N THR A 391 -0.22 13.38 14.73
CA THR A 391 0.15 14.59 15.48
C THR A 391 0.54 15.80 14.61
N ASP A 392 1.29 15.59 13.53
CA ASP A 392 1.66 16.68 12.61
C ASP A 392 0.75 16.72 11.38
N THR A 393 -0.56 16.81 11.61
CA THR A 393 -1.57 16.87 10.53
C THR A 393 -2.34 18.17 10.68
N VAL A 394 -2.90 18.68 9.59
CA VAL A 394 -3.68 19.92 9.65
C VAL A 394 -4.93 19.80 10.55
N VAL A 395 -5.65 18.69 10.42
CA VAL A 395 -6.85 18.41 11.25
C VAL A 395 -6.65 16.96 11.68
N PRO A 396 -7.21 16.55 12.82
CA PRO A 396 -7.11 15.16 13.27
C PRO A 396 -7.67 14.15 12.26
N PRO A 397 -6.95 13.04 12.05
CA PRO A 397 -7.41 11.96 11.16
C PRO A 397 -8.64 11.22 11.69
N GLY A 398 -8.90 11.34 13.00
CA GLY A 398 -10.14 10.83 13.59
C GLY A 398 -11.38 11.34 12.86
N PHE A 399 -11.26 12.46 12.16
CA PHE A 399 -12.38 12.97 11.41
C PHE A 399 -12.52 12.34 10.05
N GLY A 400 -11.52 11.59 9.60
CA GLY A 400 -11.68 10.80 8.38
C GLY A 400 -10.56 10.76 7.35
N ALA A 401 -9.72 11.79 7.30
CA ALA A 401 -8.61 11.80 6.35
C ALA A 401 -7.36 12.44 6.97
N ALA A 402 -6.21 11.90 6.65
CA ALA A 402 -4.97 12.48 7.13
C ALA A 402 -4.58 13.61 6.19
N VAL A 403 -4.41 14.82 6.74
CA VAL A 403 -4.04 15.96 5.92
C VAL A 403 -2.64 16.41 6.33
N MSE A 404 -1.73 16.47 5.36
CA MSE A 404 -0.32 16.81 5.57
C MSE A 404 0.08 18.10 4.91
O MSE A 404 -0.22 18.33 3.73
CB MSE A 404 0.60 15.71 5.05
CG MSE A 404 1.03 14.68 6.08
SE MSE A 404 -0.42 13.45 6.51
CE MSE A 404 -0.89 12.80 4.69
N ARG A 405 0.81 18.92 5.66
CA ARG A 405 1.30 20.19 5.18
C ARG A 405 2.67 19.97 4.57
N ILE A 406 2.84 20.40 3.32
CA ILE A 406 4.14 20.36 2.61
C ILE A 406 4.75 21.76 2.54
N LYS A 407 3.89 22.71 2.19
CA LYS A 407 4.23 24.12 2.17
C LYS A 407 3.05 24.86 2.77
N ARG A 408 3.16 26.18 2.86
CA ARG A 408 2.11 27.01 3.44
C ARG A 408 0.77 26.82 2.73
N ASP A 409 0.76 26.91 1.39
CA ASP A 409 -0.47 26.70 0.60
C ASP A 409 -0.50 25.37 -0.13
N GLY A 410 0.32 24.42 0.30
CA GLY A 410 0.37 23.12 -0.36
C GLY A 410 0.39 21.93 0.58
N GLY A 411 -0.35 20.89 0.23
CA GLY A 411 -0.37 19.71 1.05
C GLY A 411 -1.02 18.59 0.28
N TYR A 412 -1.21 17.47 0.96
CA TYR A 412 -1.88 16.32 0.38
C TYR A 412 -2.67 15.61 1.47
N SER A 413 -3.52 14.68 1.05
CA SER A 413 -4.37 13.92 1.92
C SER A 413 -4.23 12.45 1.63
N LEU A 414 -4.44 11.65 2.67
CA LEU A 414 -4.39 10.21 2.59
C LEU A 414 -5.60 9.68 3.33
N VAL A 415 -6.29 8.78 2.62
CA VAL A 415 -7.52 8.13 3.08
C VAL A 415 -7.28 6.65 2.79
N THR A 416 -7.54 5.82 3.79
CA THR A 416 -7.59 4.38 3.64
C THR A 416 -9.00 3.94 4.04
N HIS A 417 -9.66 3.21 3.15
CA HIS A 417 -11.06 2.80 3.35
C HIS A 417 -11.35 1.46 2.69
N SER A 418 -12.30 0.74 3.29
CA SER A 418 -12.77 -0.52 2.74
C SER A 418 -14.20 -0.78 3.20
N ARG A 419 -14.92 -1.66 2.51
CA ARG A 419 -16.26 -2.07 3.01
C ARG A 419 -16.49 -3.56 2.84
N ALA A 420 -15.68 -4.35 3.55
CA ALA A 420 -15.78 -5.80 3.52
C ALA A 420 -17.16 -6.26 4.01
N ASP A 421 -17.80 -5.46 4.85
CA ASP A 421 -19.11 -5.81 5.39
C ASP A 421 -20.17 -5.89 4.28
N LEU A 422 -19.94 -5.09 3.23
CA LEU A 422 -20.80 -5.04 2.03
C LEU A 422 -20.33 -6.00 0.96
N ALA A 423 -19.01 -6.04 0.71
CA ALA A 423 -18.41 -6.95 -0.27
C ALA A 423 -18.66 -8.41 0.07
N LEU A 424 -18.85 -8.71 1.35
CA LEU A 424 -19.37 -10.00 1.82
C LEU A 424 -20.63 -10.49 1.12
N GLN A 425 -21.58 -9.57 0.96
CA GLN A 425 -22.90 -9.86 0.40
C GLN A 425 -22.89 -9.69 -1.11
N ASP A 426 -22.30 -8.60 -1.57
CA ASP A 426 -22.10 -8.41 -2.98
C ASP A 426 -20.72 -7.85 -3.14
N THR A 427 -19.85 -8.65 -3.75
CA THR A 427 -18.43 -8.33 -3.90
C THR A 427 -18.23 -7.11 -4.82
N TYR A 428 -18.88 -7.10 -5.98
CA TYR A 428 -18.80 -5.95 -6.90
C TYR A 428 -19.25 -4.64 -6.25
N TRP A 429 -20.51 -4.58 -5.82
CA TRP A 429 -21.10 -3.34 -5.31
C TRP A 429 -20.47 -2.90 -4.02
N GLY A 430 -20.16 -3.85 -3.16
CA GLY A 430 -19.44 -3.58 -1.91
C GLY A 430 -18.09 -2.94 -2.18
N THR A 431 -17.36 -3.55 -3.09
CA THR A 431 -16.08 -3.01 -3.51
C THR A 431 -16.17 -1.65 -4.21
N LEU A 432 -17.13 -1.50 -5.12
CA LEU A 432 -17.29 -0.22 -5.83
C LEU A 432 -17.64 0.94 -4.88
N ILE A 433 -18.45 0.66 -3.88
CA ILE A 433 -18.88 1.66 -2.92
C ILE A 433 -17.70 2.15 -2.07
N ALA A 434 -16.88 1.21 -1.60
CA ALA A 434 -15.66 1.50 -0.85
C ALA A 434 -14.83 2.58 -1.56
N VAL A 435 -14.65 2.42 -2.87
CA VAL A 435 -13.95 3.43 -3.68
C VAL A 435 -14.71 4.75 -3.69
N LEU A 436 -16.02 4.70 -3.97
CA LEU A 436 -16.80 5.92 -4.05
C LEU A 436 -16.77 6.68 -2.73
N GLU A 437 -16.86 5.95 -1.62
CA GLU A 437 -16.80 6.53 -0.28
C GLU A 437 -15.39 7.10 0.03
N SER A 438 -14.34 6.53 -0.55
CA SER A 438 -12.99 7.13 -0.40
C SER A 438 -12.94 8.51 -1.02
N VAL A 439 -13.62 8.67 -2.16
CA VAL A 439 -13.79 9.99 -2.80
C VAL A 439 -14.52 10.98 -1.88
N ARG A 440 -15.64 10.53 -1.28
CA ARG A 440 -16.41 11.36 -0.36
C ARG A 440 -15.53 11.91 0.76
N LYS A 441 -14.74 11.04 1.36
CA LYS A 441 -13.81 11.41 2.43
C LYS A 441 -12.73 12.44 2.01
N THR A 442 -12.18 12.26 0.81
CA THR A 442 -11.19 13.16 0.25
C THR A 442 -11.81 14.52 -0.06
N LEU A 443 -13.00 14.53 -0.69
CA LEU A 443 -13.70 15.77 -0.93
C LEU A 443 -14.10 16.46 0.35
N SER A 444 -14.35 15.66 1.40
CA SER A 444 -14.85 16.18 2.68
C SER A 444 -13.87 17.08 3.43
N VAL A 445 -12.57 16.89 3.19
CA VAL A 445 -11.54 17.77 3.72
C VAL A 445 -11.13 18.87 2.72
N GLY A 446 -11.79 18.93 1.57
CA GLY A 446 -11.51 19.98 0.60
C GLY A 446 -10.40 19.61 -0.36
N ALA A 447 -10.07 18.33 -0.39
CA ALA A 447 -9.02 17.82 -1.25
C ALA A 447 -9.64 17.25 -2.52
N GLU A 448 -8.87 17.37 -3.63
CA GLU A 448 -9.17 16.72 -4.91
C GLU A 448 -8.41 15.39 -5.14
N PRO A 449 -9.17 14.33 -5.39
CA PRO A 449 -8.58 12.99 -5.57
C PRO A 449 -7.55 13.03 -6.69
N LEU A 450 -6.37 12.49 -6.41
CA LEU A 450 -5.36 12.36 -7.44
C LEU A 450 -5.16 10.92 -7.90
N ALA A 451 -5.13 9.98 -6.98
CA ALA A 451 -4.79 8.60 -7.32
C ALA A 451 -5.08 7.65 -6.19
N ILE A 452 -5.11 6.38 -6.56
CA ILE A 452 -5.39 5.26 -5.68
C ILE A 452 -4.19 4.35 -5.63
N THR A 453 -3.88 3.89 -4.42
CA THR A 453 -3.08 2.71 -4.25
C THR A 453 -4.05 1.72 -3.66
N ASN A 454 -3.94 0.46 -4.08
CA ASN A 454 -4.89 -0.54 -3.60
C ASN A 454 -4.29 -1.85 -3.13
N CYS A 455 -4.88 -2.37 -2.06
CA CYS A 455 -4.56 -3.70 -1.62
C CYS A 455 -5.76 -4.60 -1.75
N VAL A 456 -5.65 -5.55 -2.68
CA VAL A 456 -6.59 -6.66 -2.85
C VAL A 456 -6.32 -7.75 -1.80
N ASN A 457 -7.25 -7.94 -0.87
CA ASN A 457 -7.17 -9.05 0.07
C ASN A 457 -8.31 -10.03 -0.23
N TYR A 458 -7.97 -11.24 -0.66
CA TYR A 458 -8.95 -12.22 -1.15
C TYR A 458 -8.59 -13.62 -0.71
N GLY A 459 -9.60 -14.50 -0.66
CA GLY A 459 -9.35 -15.93 -0.50
C GLY A 459 -8.79 -16.61 -1.75
N ASP A 460 -9.29 -17.81 -2.01
CA ASP A 460 -8.72 -18.71 -3.03
C ASP A 460 -9.40 -18.50 -4.38
N PRO A 461 -8.63 -18.02 -5.36
CA PRO A 461 -9.18 -17.66 -6.67
C PRO A 461 -9.47 -18.86 -7.58
N ASP A 462 -8.88 -20.01 -7.28
CA ASP A 462 -9.15 -21.24 -8.04
C ASP A 462 -10.52 -21.78 -7.66
N VAL A 463 -10.81 -21.73 -6.35
CA VAL A 463 -12.09 -22.14 -5.81
C VAL A 463 -13.19 -21.15 -6.22
N ASP A 464 -12.88 -19.85 -6.12
CA ASP A 464 -13.85 -18.81 -6.35
C ASP A 464 -13.26 -17.78 -7.32
N PRO A 465 -13.26 -18.06 -8.62
CA PRO A 465 -12.79 -17.07 -9.61
C PRO A 465 -13.64 -15.78 -9.72
N VAL A 466 -14.95 -15.91 -9.60
CA VAL A 466 -15.90 -14.81 -9.81
C VAL A 466 -15.78 -13.69 -8.77
N GLY A 467 -15.52 -14.05 -7.51
CA GLY A 467 -15.28 -13.07 -6.48
C GLY A 467 -14.09 -12.20 -6.81
N LEU A 468 -13.00 -12.80 -7.33
CA LEU A 468 -11.81 -12.02 -7.62
C LEU A 468 -12.16 -11.11 -8.77
N SER A 469 -12.79 -11.69 -9.78
CA SER A 469 -13.26 -10.93 -10.92
C SER A 469 -14.13 -9.73 -10.52
N ALA A 470 -15.05 -9.93 -9.58
CA ALA A 470 -15.98 -8.91 -9.15
C ALA A 470 -15.26 -7.71 -8.49
N MSE A 471 -14.28 -8.00 -7.64
CA MSE A 471 -13.39 -7.00 -7.06
C MSE A 471 -12.60 -6.21 -8.11
O MSE A 471 -12.56 -4.99 -8.09
CB MSE A 471 -12.39 -7.70 -6.17
CG MSE A 471 -12.74 -7.72 -4.73
SE MSE A 471 -11.24 -8.43 -3.67
CE MSE A 471 -10.18 -7.09 -3.82
N MSE A 472 -11.92 -6.91 -8.99
CA MSE A 472 -11.05 -6.26 -9.95
C MSE A 472 -11.84 -5.39 -10.93
O MSE A 472 -11.35 -4.34 -11.35
CB MSE A 472 -10.21 -7.29 -10.68
CG MSE A 472 -9.23 -8.04 -9.78
SE MSE A 472 -8.06 -6.86 -8.68
CE MSE A 472 -7.24 -5.78 -10.11
N THR A 473 -13.06 -5.81 -11.26
CA THR A 473 -13.93 -5.09 -12.19
C THR A 473 -14.53 -3.87 -11.52
N ALA A 474 -14.91 -4.02 -10.24
CA ALA A 474 -15.40 -2.89 -9.43
C ALA A 474 -14.37 -1.79 -9.24
N LEU A 475 -13.12 -2.21 -9.04
CA LEU A 475 -12.03 -1.24 -8.98
C LEU A 475 -11.91 -0.55 -10.35
N LYS A 476 -11.92 -1.34 -11.43
CA LYS A 476 -11.87 -0.83 -12.78
C LYS A 476 -12.99 0.17 -13.10
N ASN A 477 -14.23 -0.16 -12.69
CA ASN A 477 -15.38 0.66 -12.99
C ASN A 477 -15.49 1.91 -12.10
N ALA A 478 -15.09 1.79 -10.84
CA ALA A 478 -15.11 2.94 -9.91
C ALA A 478 -14.02 3.96 -10.25
N CYS A 479 -12.90 3.47 -10.76
CA CYS A 479 -11.84 4.37 -11.25
C CYS A 479 -12.33 5.08 -12.47
N GLU A 480 -13.09 4.36 -13.28
CA GLU A 480 -13.68 4.91 -14.50
C GLU A 480 -14.78 5.92 -14.21
N PHE A 481 -15.64 5.57 -13.26
CA PHE A 481 -16.77 6.41 -12.89
C PHE A 481 -16.27 7.69 -12.24
N SER A 482 -15.23 7.55 -11.41
CA SER A 482 -14.73 8.66 -10.62
C SER A 482 -13.66 9.51 -11.33
N GLY A 483 -12.96 8.94 -12.31
CA GLY A 483 -11.91 9.68 -13.02
C GLY A 483 -10.57 9.57 -12.30
N VAL A 484 -10.50 8.76 -11.24
CA VAL A 484 -9.29 8.62 -10.43
C VAL A 484 -8.52 7.36 -10.85
N PRO A 485 -7.25 7.52 -11.25
CA PRO A 485 -6.44 6.36 -11.70
C PRO A 485 -5.77 5.57 -10.58
N VAL A 486 -5.42 4.32 -10.88
CA VAL A 486 -4.55 3.51 -10.04
C VAL A 486 -3.04 3.82 -10.24
N ALA A 487 -2.36 4.12 -9.12
CA ALA A 487 -0.95 4.47 -9.17
C ALA A 487 -0.06 3.27 -8.84
N SER A 488 -0.49 2.49 -7.84
CA SER A 488 0.25 1.35 -7.33
C SER A 488 -0.72 0.43 -6.59
N GLY A 489 -0.20 -0.67 -6.09
CA GLY A 489 -1.04 -1.63 -5.39
C GLY A 489 -0.37 -2.95 -5.08
N ASN A 490 -1.16 -3.85 -4.54
CA ASN A 490 -0.70 -5.08 -3.96
C ASN A 490 -1.90 -6.02 -4.07
N ALA A 491 -1.64 -7.31 -4.28
CA ALA A 491 -2.69 -8.32 -4.15
C ALA A 491 -2.19 -9.39 -3.19
N SER A 492 -3.02 -9.70 -2.20
CA SER A 492 -2.76 -10.79 -1.32
C SER A 492 -3.88 -11.79 -1.47
N LEU A 493 -3.56 -12.94 -2.05
CA LEU A 493 -4.54 -14.01 -2.27
C LEU A 493 -4.31 -15.26 -1.40
N TYR A 494 -5.27 -16.18 -1.44
CA TYR A 494 -5.23 -17.41 -0.65
C TYR A 494 -5.29 -17.20 0.86
N ASN A 495 -6.00 -16.15 1.27
CA ASN A 495 -6.29 -15.89 2.66
C ASN A 495 -7.51 -16.74 3.10
N THR A 496 -7.22 -17.96 3.58
CA THR A 496 -8.26 -18.90 4.04
C THR A 496 -7.82 -19.66 5.29
N TYR A 497 -8.77 -20.34 5.93
CA TYR A 497 -8.49 -21.28 7.01
C TYR A 497 -9.38 -22.49 6.76
N GLN A 498 -8.78 -23.65 6.54
CA GLN A 498 -9.55 -24.85 6.20
C GLN A 498 -10.59 -24.50 5.12
N GLY A 499 -10.12 -23.83 4.07
CA GLY A 499 -10.92 -23.56 2.89
C GLY A 499 -12.04 -22.54 3.05
N LYS A 500 -12.16 -21.96 4.24
CA LYS A 500 -13.10 -20.86 4.42
C LYS A 500 -12.38 -19.56 4.11
N PRO A 501 -12.84 -18.84 3.10
CA PRO A 501 -12.18 -17.64 2.66
C PRO A 501 -12.57 -16.46 3.53
N ILE A 502 -11.65 -15.51 3.62
CA ILE A 502 -11.85 -14.26 4.31
C ILE A 502 -12.91 -13.43 3.55
N PRO A 503 -13.56 -12.45 4.19
CA PRO A 503 -14.36 -11.47 3.43
C PRO A 503 -13.48 -10.78 2.38
N PRO A 504 -13.98 -10.62 1.15
CA PRO A 504 -13.20 -9.98 0.08
C PRO A 504 -12.99 -8.52 0.42
N THR A 505 -11.74 -8.16 0.74
CA THR A 505 -11.43 -6.85 1.29
C THR A 505 -10.43 -6.06 0.42
N LEU A 506 -10.97 -5.17 -0.41
CA LEU A 506 -10.15 -4.26 -1.19
C LEU A 506 -9.89 -3.05 -0.32
N VAL A 507 -8.64 -2.83 0.10
CA VAL A 507 -8.32 -1.62 0.81
C VAL A 507 -7.91 -0.56 -0.19
N VAL A 508 -8.62 0.55 -0.14
CA VAL A 508 -8.41 1.68 -1.02
C VAL A 508 -7.66 2.76 -0.26
N GLY A 509 -6.51 3.14 -0.78
CA GLY A 509 -5.74 4.27 -0.22
C GLY A 509 -5.68 5.40 -1.22
N MSE A 510 -6.43 6.46 -0.95
CA MSE A 510 -6.58 7.56 -1.87
C MSE A 510 -5.70 8.75 -1.52
O MSE A 510 -5.77 9.28 -0.40
CB MSE A 510 -8.03 8.02 -1.97
CG MSE A 510 -8.28 8.90 -3.22
SE MSE A 510 -10.19 9.03 -3.45
CE MSE A 510 -10.50 7.18 -4.40
N LEU A 511 -4.93 9.18 -2.51
CA LEU A 511 -4.10 10.38 -2.46
C LEU A 511 -4.93 11.56 -2.96
N GLY A 512 -4.99 12.64 -2.18
CA GLY A 512 -5.63 13.85 -2.62
C GLY A 512 -4.74 15.09 -2.49
N LYS A 513 -5.10 16.13 -3.22
CA LYS A 513 -4.38 17.38 -3.19
C LYS A 513 -5.25 18.44 -2.50
N VAL A 514 -4.65 19.23 -1.61
CA VAL A 514 -5.41 20.24 -0.84
C VAL A 514 -4.51 21.36 -0.35
N ASN A 515 -5.04 22.58 -0.30
CA ASN A 515 -4.39 23.71 0.36
C ASN A 515 -4.73 23.67 1.85
N PRO A 516 -3.73 23.49 2.72
CA PRO A 516 -3.98 23.36 4.15
C PRO A 516 -4.64 24.62 4.72
N GLN A 517 -4.42 25.76 4.05
CA GLN A 517 -5.01 27.04 4.48
C GLN A 517 -6.52 26.99 4.32
N LYS A 518 -7.00 26.07 3.49
CA LYS A 518 -8.43 25.99 3.23
C LYS A 518 -9.14 24.88 4.02
N VAL A 519 -8.40 24.17 4.88
CA VAL A 519 -8.99 23.06 5.64
C VAL A 519 -9.79 23.57 6.85
N ALA A 520 -11.03 23.10 6.92
CA ALA A 520 -11.95 23.44 8.00
C ALA A 520 -11.58 22.70 9.27
N LYS A 521 -11.54 23.46 10.36
CA LYS A 521 -11.51 22.95 11.74
C LYS A 521 -12.96 22.94 12.29
N PRO A 522 -13.25 22.07 13.25
CA PRO A 522 -14.56 22.07 13.93
C PRO A 522 -14.80 23.31 14.82
N LYS A 523 -16.00 23.88 14.71
CA LYS A 523 -16.39 25.13 15.35
C LYS A 523 -17.79 24.94 15.92
N PRO A 524 -18.18 25.71 16.93
CA PRO A 524 -19.58 25.75 17.33
C PRO A 524 -20.45 26.07 16.13
N SER A 525 -21.42 25.19 15.86
CA SER A 525 -22.19 25.26 14.63
C SER A 525 -23.49 24.46 14.68
N LYS A 526 -24.25 24.53 13.58
CA LYS A 526 -25.42 23.66 13.42
C LYS A 526 -24.98 22.45 12.63
N VAL A 527 -25.66 21.32 12.82
CA VAL A 527 -25.34 20.07 12.13
C VAL A 527 -26.51 19.73 11.20
N PHE A 528 -26.17 19.27 10.00
CA PHE A 528 -27.14 18.93 8.98
C PHE A 528 -26.79 17.57 8.36
N ALA A 529 -27.80 16.74 8.13
CA ALA A 529 -27.58 15.53 7.32
C ALA A 529 -27.84 15.90 5.87
N VAL A 530 -26.80 15.83 5.05
CA VAL A 530 -26.90 16.25 3.66
C VAL A 530 -26.82 14.99 2.79
N GLY A 531 -27.87 14.75 2.01
CA GLY A 531 -27.92 13.62 1.07
C GLY A 531 -29.12 12.71 1.26
N TRP A 532 -28.93 11.43 0.97
CA TRP A 532 -29.99 10.43 1.04
C TRP A 532 -29.60 9.27 1.93
N ASN A 533 -30.57 8.66 2.60
CA ASN A 533 -30.26 7.56 3.53
C ASN A 533 -30.03 6.17 2.86
N ASP A 534 -30.02 6.15 1.53
CA ASP A 534 -29.81 4.93 0.77
C ASP A 534 -28.95 5.24 -0.45
N PHE A 535 -28.73 4.26 -1.31
CA PHE A 535 -27.77 4.43 -2.36
C PHE A 535 -28.36 4.21 -3.74
N GLU A 536 -28.05 5.14 -4.64
CA GLU A 536 -28.32 5.00 -6.06
C GLU A 536 -27.11 5.61 -6.78
N LEU A 537 -26.42 4.81 -7.59
CA LEU A 537 -25.20 5.25 -8.29
C LEU A 537 -25.35 6.56 -9.06
N GLU A 538 -26.54 6.76 -9.63
CA GLU A 538 -26.84 7.90 -10.48
C GLU A 538 -26.94 9.21 -9.69
N ARG A 539 -26.83 9.17 -8.38
CA ARG A 539 -26.82 10.43 -7.63
C ARG A 539 -25.55 10.73 -6.83
N GLU A 540 -24.62 9.78 -6.80
CA GLU A 540 -23.32 9.94 -6.17
C GLU A 540 -22.59 11.21 -6.60
N LYS A 541 -22.56 11.47 -7.90
CA LYS A 541 -21.84 12.65 -8.39
C LYS A 541 -22.46 13.97 -7.94
N GLU A 542 -23.79 13.98 -7.79
CA GLU A 542 -24.50 15.10 -7.21
C GLU A 542 -24.17 15.33 -5.74
N LEU A 543 -23.93 14.26 -5.01
CA LEU A 543 -23.47 14.39 -3.63
C LEU A 543 -22.06 15.02 -3.60
N TRP A 544 -21.21 14.48 -4.46
CA TRP A 544 -19.85 15.00 -4.60
C TRP A 544 -19.87 16.51 -4.90
N ARG A 545 -20.78 16.92 -5.80
CA ARG A 545 -20.88 18.33 -6.18
C ARG A 545 -21.33 19.20 -4.97
N ALA A 546 -22.25 18.65 -4.18
CA ALA A 546 -22.71 19.27 -2.95
C ALA A 546 -21.61 19.37 -1.92
N ILE A 547 -20.85 18.29 -1.70
CA ILE A 547 -19.71 18.34 -0.76
C ILE A 547 -18.68 19.38 -1.17
N ARG A 548 -18.34 19.37 -2.46
CA ARG A 548 -17.38 20.31 -3.01
C ARG A 548 -17.81 21.76 -2.76
N LYS A 549 -19.07 22.04 -3.07
CA LYS A 549 -19.60 23.38 -2.91
C LYS A 549 -19.52 23.81 -1.46
N LEU A 550 -19.98 22.94 -0.56
CA LEU A 550 -20.03 23.26 0.85
C LEU A 550 -18.63 23.38 1.46
N SER A 551 -17.73 22.49 1.02
CA SER A 551 -16.34 22.57 1.41
C SER A 551 -15.70 23.90 1.01
N GLU A 552 -16.00 24.38 -0.21
CA GLU A 552 -15.42 25.63 -0.73
C GLU A 552 -15.82 26.81 0.16
N GLU A 553 -16.99 26.72 0.79
CA GLU A 553 -17.52 27.78 1.67
C GLU A 553 -17.07 27.63 3.14
N GLY A 554 -16.16 26.69 3.41
CA GLY A 554 -15.55 26.54 4.74
C GLY A 554 -16.31 25.67 5.73
N ALA A 555 -17.27 24.90 5.23
CA ALA A 555 -18.05 23.99 6.08
C ALA A 555 -17.19 22.82 6.55
N PHE A 556 -17.45 22.34 7.76
CA PHE A 556 -16.77 21.17 8.27
C PHE A 556 -17.63 19.94 7.95
N ILE A 557 -17.05 18.90 7.35
CA ILE A 557 -17.85 17.78 6.82
C ILE A 557 -17.33 16.41 7.26
N LEU A 558 -18.19 15.61 7.89
CA LEU A 558 -17.89 14.21 8.19
C LEU A 558 -18.57 13.28 7.18
N SER A 559 -17.82 12.32 6.68
CA SER A 559 -18.35 11.31 5.76
C SER A 559 -17.96 9.92 6.26
N SER A 560 -18.93 9.22 6.83
CA SER A 560 -18.71 7.94 7.49
C SER A 560 -19.94 7.05 7.36
N SER A 561 -19.69 5.74 7.27
CA SER A 561 -20.74 4.74 7.06
C SER A 561 -21.78 4.89 8.13
N GLN A 562 -21.31 5.03 9.36
CA GLN A 562 -22.18 5.12 10.52
C GLN A 562 -22.71 6.54 10.77
N LEU A 563 -22.38 7.46 9.87
CA LEU A 563 -22.67 8.91 10.03
C LEU A 563 -21.87 9.62 11.13
N LEU A 564 -22.08 9.24 12.38
CA LEU A 564 -21.28 9.75 13.49
C LEU A 564 -20.79 8.58 14.32
N THR A 565 -19.53 8.60 14.72
CA THR A 565 -18.94 7.52 15.53
C THR A 565 -18.44 8.03 16.88
N ARG A 566 -18.12 7.09 17.77
CA ARG A 566 -17.45 7.37 19.02
C ARG A 566 -16.15 8.09 18.72
N THR A 567 -15.40 7.61 17.73
CA THR A 567 -14.17 8.29 17.29
C THR A 567 -14.38 9.80 16.97
N HIS A 568 -15.47 10.12 16.27
CA HIS A 568 -15.84 11.50 15.98
C HIS A 568 -16.10 12.26 17.27
N VAL A 569 -16.92 11.67 18.12
CA VAL A 569 -17.28 12.23 19.42
C VAL A 569 -16.07 12.52 20.31
N GLU A 570 -15.18 11.54 20.44
CA GLU A 570 -13.96 11.70 21.23
C GLU A 570 -12.98 12.72 20.61
N THR A 571 -12.98 12.82 19.28
CA THR A 571 -12.15 13.81 18.58
C THR A 571 -12.65 15.24 18.80
N PHE A 572 -13.98 15.41 18.80
CA PHE A 572 -14.60 16.71 19.12
C PHE A 572 -14.25 17.19 20.52
N ARG A 573 -14.06 16.24 21.45
CA ARG A 573 -13.68 16.58 22.84
C ARG A 573 -12.28 17.17 22.97
N GLU A 574 -11.40 16.83 22.03
CA GLU A 574 -10.06 17.43 21.93
C GLU A 574 -10.16 18.92 21.65
N TYR A 575 -11.22 19.30 20.94
CA TYR A 575 -11.54 20.69 20.64
C TYR A 575 -12.48 21.30 21.69
N GLY A 576 -12.82 20.53 22.71
CA GLY A 576 -13.74 20.99 23.76
C GLY A 576 -15.17 21.18 23.27
N LEU A 577 -15.58 20.39 22.28
CA LEU A 577 -16.89 20.56 21.66
C LEU A 577 -17.80 19.36 21.92
N LYS A 578 -19.08 19.66 22.11
CA LYS A 578 -20.11 18.64 22.40
C LYS A 578 -21.11 18.60 21.26
N ILE A 579 -21.41 17.40 20.79
CA ILE A 579 -22.40 17.19 19.76
C ILE A 579 -23.70 16.67 20.39
N GLU A 580 -24.82 17.32 20.05
CA GLU A 580 -26.13 16.80 20.43
C GLU A 580 -26.96 16.72 19.16
N VAL A 581 -27.16 15.51 18.66
CA VAL A 581 -27.85 15.30 17.39
C VAL A 581 -28.92 14.22 17.44
N LYS A 582 -29.82 14.26 16.47
CA LYS A 582 -30.78 13.20 16.24
C LYS A 582 -30.44 12.63 14.86
N LEU A 583 -29.74 11.50 14.84
CA LEU A 583 -29.29 10.91 13.58
C LEU A 583 -30.42 10.26 12.80
N PRO A 584 -30.48 10.57 11.50
CA PRO A 584 -31.43 9.93 10.60
C PRO A 584 -31.12 8.46 10.44
N GLU A 585 -32.15 7.63 10.24
CA GLU A 585 -31.96 6.21 9.94
C GLU A 585 -31.35 6.01 8.57
N VAL A 586 -30.25 5.26 8.56
CA VAL A 586 -29.45 5.11 7.37
C VAL A 586 -29.27 3.64 7.01
N ARG A 587 -29.36 3.32 5.73
CA ARG A 587 -29.09 1.97 5.20
C ARG A 587 -27.59 1.56 5.33
N PRO A 588 -27.25 0.28 5.17
CA PRO A 588 -25.83 -0.12 5.22
C PRO A 588 -25.01 0.61 4.14
N ALA A 589 -25.61 0.83 2.97
CA ALA A 589 -25.03 1.70 1.94
C ALA A 589 -25.87 2.97 1.74
N HIS A 590 -25.32 4.12 2.13
CA HIS A 590 -26.05 5.38 2.02
C HIS A 590 -25.32 6.48 1.24
N GLN A 591 -26.02 7.60 0.99
CA GLN A 591 -25.43 8.75 0.30
C GLN A 591 -25.61 10.02 1.13
N MSE A 592 -25.22 9.92 2.40
CA MSE A 592 -25.33 11.04 3.33
C MSE A 592 -24.00 11.39 3.97
O MSE A 592 -23.14 10.52 4.14
CB MSE A 592 -26.31 10.70 4.44
CG MSE A 592 -27.28 11.82 4.76
SE MSE A 592 -28.42 11.06 6.07
CE MSE A 592 -30.14 11.39 5.14
N VAL A 593 -23.85 12.66 4.35
CA VAL A 593 -22.72 13.18 5.12
C VAL A 593 -23.23 14.17 6.18
N LEU A 594 -22.40 14.45 7.17
CA LEU A 594 -22.73 15.47 8.18
C LEU A 594 -21.94 16.73 7.95
N VAL A 595 -22.69 17.82 7.79
CA VAL A 595 -22.15 19.13 7.45
C VAL A 595 -22.34 20.07 8.64
N PHE A 596 -21.26 20.71 9.07
CA PHE A 596 -21.26 21.54 10.26
C PHE A 596 -21.02 22.95 9.77
N SER A 597 -22.03 23.80 9.95
CA SER A 597 -22.01 25.18 9.43
C SER A 597 -22.87 26.11 10.28
N GLU A 598 -22.70 27.41 10.09
CA GLU A 598 -23.48 28.39 10.83
C GLU A 598 -24.93 28.37 10.40
N ARG A 599 -25.13 28.21 9.09
CA ARG A 599 -26.44 28.28 8.46
C ARG A 599 -26.70 27.07 7.55
N THR A 600 -27.95 26.92 7.12
CA THR A 600 -28.37 25.77 6.32
C THR A 600 -27.64 25.71 4.97
N PRO A 601 -26.98 24.58 4.70
CA PRO A 601 -26.47 24.29 3.36
C PRO A 601 -27.50 24.54 2.26
N VAL A 602 -27.11 25.25 1.20
CA VAL A 602 -27.95 25.40 0.01
C VAL A 602 -27.32 24.62 -1.16
N VAL A 603 -27.88 23.44 -1.40
CA VAL A 603 -27.33 22.50 -2.39
C VAL A 603 -28.50 21.80 -3.09
N ASP A 604 -28.24 21.18 -4.24
CA ASP A 604 -29.26 20.47 -5.02
C ASP A 604 -29.39 19.04 -4.53
N VAL A 605 -29.22 18.86 -3.23
CA VAL A 605 -29.27 17.56 -2.59
C VAL A 605 -30.12 17.80 -1.32
N PRO A 606 -30.80 16.79 -0.78
CA PRO A 606 -31.63 17.02 0.43
C PRO A 606 -30.83 17.42 1.66
N VAL A 607 -31.45 18.22 2.52
CA VAL A 607 -30.79 18.79 3.70
C VAL A 607 -31.76 18.71 4.89
N LYS A 608 -31.29 18.15 6.00
CA LYS A 608 -32.08 18.13 7.21
C LYS A 608 -31.26 18.56 8.41
N GLU A 609 -31.74 19.56 9.14
CA GLU A 609 -31.09 20.04 10.36
C GLU A 609 -31.33 19.05 11.48
N ILE A 610 -30.24 18.60 12.12
CA ILE A 610 -30.34 17.50 13.08
C ILE A 610 -29.86 17.77 14.50
N GLY A 611 -29.04 18.81 14.68
CA GLY A 611 -28.58 19.16 16.01
C GLY A 611 -27.59 20.30 16.05
N THR A 612 -26.67 20.25 17.02
CA THR A 612 -25.70 21.32 17.28
C THR A 612 -24.31 20.82 17.66
N LEU A 613 -23.31 21.67 17.43
CA LEU A 613 -21.98 21.46 17.97
C LEU A 613 -21.59 22.70 18.77
N SER A 614 -21.44 22.56 20.08
CA SER A 614 -21.25 23.72 20.93
C SER A 614 -20.17 23.56 21.98
N ARG A 615 -19.84 24.70 22.60
CA ARG A 615 -18.90 24.87 23.74
C ARG A 615 -17.52 25.38 23.32
CL CL B . 7.43 -23.65 -10.41
#